data_3O3I
#
_entry.id   3O3I
#
_cell.length_a   44.303
_cell.length_b   44.303
_cell.length_c   147.707
_cell.angle_alpha   90.00
_cell.angle_beta   90.00
_cell.angle_gamma   90.00
#
_symmetry.space_group_name_H-M   'P 41 2 2'
#
loop_
_entity.id
_entity.type
_entity.pdbx_description
1 polymer 'Piwi-like protein 1'
2 polymer "RNA (5'-R(*GP*CP*GP*AP*AP*UP*AP*UP*UP*CP*GP*CP*UP*U)-3')"
3 water water
#
loop_
_entity_poly.entity_id
_entity_poly.type
_entity_poly.pdbx_seq_one_letter_code
_entity_poly.pdbx_strand_id
1 'polypeptide(L)'
;SETVLDFMFNFYHQTEEHKFQEQVSKELIGLVVLTKYNNKTYRVDDIDWDQNPKSTFKKADGSEVSFLEYYRKQYNQEIT
DLKQPVLVSQPKRRRGPGGTLPGPAMLIPELCYLTGLTDKMRND
;
X
2 'polyribonucleotide' GCGAAUAUUCGCUU A
#
loop_
_chem_comp.id
_chem_comp.type
_chem_comp.name
_chem_comp.formula
A RNA linking ADENOSINE-5'-MONOPHOSPHATE 'C10 H14 N5 O7 P'
C RNA linking CYTIDINE-5'-MONOPHOSPHATE 'C9 H14 N3 O8 P'
G RNA linking GUANOSINE-5'-MONOPHOSPHATE 'C10 H14 N5 O8 P'
U RNA linking URIDINE-5'-MONOPHOSPHATE 'C9 H13 N2 O9 P'
#
# COMPACT_ATOMS: atom_id res chain seq x y z
N SER A 1 -12.29 11.23 1.69
CA SER A 1 -10.79 11.16 1.60
C SER A 1 -10.35 10.02 0.68
N GLU A 2 -9.77 10.38 -0.47
CA GLU A 2 -9.36 9.40 -1.47
C GLU A 2 -8.20 8.52 -0.99
N THR A 3 -8.21 7.27 -1.43
CA THR A 3 -7.18 6.31 -1.05
C THR A 3 -6.00 6.36 -2.03
N VAL A 4 -4.92 5.67 -1.69
CA VAL A 4 -3.73 5.60 -2.55
C VAL A 4 -4.06 4.87 -3.87
N LEU A 5 -4.94 3.87 -3.78
CA LEU A 5 -5.43 3.15 -4.95
C LEU A 5 -6.24 4.06 -5.86
N ASP A 6 -7.10 4.89 -5.26
CA ASP A 6 -7.87 5.90 -5.98
C ASP A 6 -6.95 6.88 -6.69
N PHE A 7 -5.90 7.29 -5.99
CA PHE A 7 -4.87 8.20 -6.50
C PHE A 7 -4.16 7.63 -7.74
N MET A 8 -3.83 6.34 -7.69
CA MET A 8 -3.10 5.66 -8.77
C MET A 8 -3.78 5.73 -10.13
N PHE A 9 -5.11 5.73 -10.12
CA PHE A 9 -5.89 5.76 -11.36
C PHE A 9 -6.61 7.10 -11.57
N ASN A 10 -6.17 8.13 -10.84
CA ASN A 10 -6.72 9.48 -10.96
C ASN A 10 -5.66 10.55 -11.19
N PHE A 11 -4.47 10.35 -10.60
CA PHE A 11 -3.38 11.32 -10.69
C PHE A 11 -2.81 11.43 -12.10
N TYR A 12 -2.26 10.33 -12.61
CA TYR A 12 -1.77 10.29 -13.98
C TYR A 12 -2.24 9.04 -14.72
N HIS A 13 -2.75 9.26 -15.93
CA HIS A 13 -3.32 8.20 -16.75
C HIS A 13 -2.35 7.83 -17.86
N GLN A 14 -1.99 6.54 -17.92
CA GLN A 14 -0.98 6.05 -18.86
C GLN A 14 -1.32 4.65 -19.37
N THR A 15 -1.29 4.49 -20.69
CA THR A 15 -1.55 3.20 -21.33
C THR A 15 -0.31 2.29 -21.35
N GLU A 16 0.87 2.90 -21.31
CA GLU A 16 2.13 2.18 -21.23
C GLU A 16 2.34 1.68 -19.80
N GLU A 17 2.54 0.37 -19.67
CA GLU A 17 2.63 -0.29 -18.36
C GLU A 17 3.86 0.14 -17.56
N HIS A 18 5.00 0.23 -18.21
CA HIS A 18 6.25 0.62 -17.55
C HIS A 18 6.27 2.11 -17.19
N LYS A 19 5.69 2.94 -18.06
CA LYS A 19 5.58 4.38 -17.80
C LYS A 19 4.57 4.69 -16.69
N PHE A 20 3.54 3.87 -16.57
CA PHE A 20 2.57 3.98 -15.48
C PHE A 20 3.25 3.72 -14.14
N GLN A 21 4.06 2.65 -14.09
CA GLN A 21 4.72 2.24 -12.87
C GLN A 21 5.84 3.19 -12.43
N GLU A 22 6.51 3.81 -13.41
CA GLU A 22 7.56 4.78 -13.10
C GLU A 22 6.99 6.13 -12.63
N GLN A 23 5.85 6.52 -13.20
CA GLN A 23 5.17 7.77 -12.85
C GLN A 23 4.52 7.67 -11.47
N VAL A 24 3.86 6.54 -11.21
CA VAL A 24 3.25 6.25 -9.91
C VAL A 24 4.33 6.19 -8.81
N SER A 25 5.44 5.53 -9.12
CA SER A 25 6.60 5.48 -8.23
C SER A 25 7.17 6.88 -7.93
N LYS A 26 7.26 7.71 -8.96
CA LYS A 26 7.79 9.07 -8.81
C LYS A 26 6.84 9.96 -8.00
N GLU A 27 5.54 9.77 -8.20
CA GLU A 27 4.52 10.57 -7.54
C GLU A 27 4.33 10.21 -6.06
N LEU A 28 4.43 8.91 -5.75
CA LEU A 28 4.09 8.42 -4.41
C LEU A 28 5.28 8.32 -3.44
N ILE A 29 6.43 7.86 -3.93
CA ILE A 29 7.60 7.67 -3.05
C ILE A 29 8.06 8.99 -2.43
N GLY A 30 7.92 9.07 -1.11
CA GLY A 30 8.23 10.28 -0.37
C GLY A 30 7.06 10.82 0.41
N LEU A 31 5.85 10.50 -0.04
CA LEU A 31 4.62 10.97 0.61
C LEU A 31 4.34 10.19 1.90
N VAL A 32 3.65 10.85 2.84
CA VAL A 32 3.21 10.18 4.05
C VAL A 32 1.75 9.76 3.89
N VAL A 33 1.47 8.49 4.17
CA VAL A 33 0.13 7.93 4.03
C VAL A 33 -0.47 7.57 5.38
N LEU A 34 -1.78 7.81 5.53
CA LEU A 34 -2.50 7.46 6.75
C LEU A 34 -3.41 6.28 6.51
N THR A 35 -3.22 5.22 7.30
CA THR A 35 -4.05 4.02 7.22
C THR A 35 -5.42 4.28 7.86
N LYS A 36 -6.48 3.80 7.21
CA LYS A 36 -7.85 4.07 7.65
C LYS A 36 -8.36 3.15 8.77
N TYR A 37 -7.57 2.12 9.08
CA TYR A 37 -7.93 1.12 10.08
C TYR A 37 -7.16 1.29 11.40
N ASN A 38 -6.07 2.05 11.34
CA ASN A 38 -5.24 2.34 12.51
C ASN A 38 -4.66 3.75 12.33
N ASN A 39 -4.77 4.58 13.37
CA ASN A 39 -4.36 5.98 13.28
C ASN A 39 -2.83 6.21 13.26
N LYS A 40 -2.15 5.43 12.44
CA LYS A 40 -0.70 5.54 12.27
C LYS A 40 -0.37 6.05 10.88
N THR A 41 0.63 6.93 10.80
CA THR A 41 1.11 7.42 9.51
C THR A 41 2.43 6.76 9.13
N TYR A 42 2.61 6.54 7.83
CA TYR A 42 3.82 5.91 7.31
C TYR A 42 4.33 6.69 6.12
N ARG A 43 5.66 6.81 6.03
CA ARG A 43 6.29 7.40 4.86
C ARG A 43 6.51 6.28 3.83
N VAL A 44 5.81 6.37 2.69
CA VAL A 44 6.04 5.41 1.60
C VAL A 44 7.35 5.72 0.87
N ASP A 45 8.30 4.80 0.97
CA ASP A 45 9.61 4.98 0.36
C ASP A 45 9.94 3.95 -0.74
N ASP A 46 8.94 3.14 -1.08
CA ASP A 46 9.05 2.18 -2.20
C ASP A 46 7.70 1.54 -2.50
N ILE A 47 7.54 1.07 -3.74
CA ILE A 47 6.34 0.35 -4.19
C ILE A 47 6.72 -1.02 -4.76
N ASP A 48 6.25 -2.07 -4.10
CA ASP A 48 6.56 -3.44 -4.49
C ASP A 48 5.54 -3.96 -5.51
N TRP A 49 5.92 -3.88 -6.79
CA TRP A 49 5.06 -4.32 -7.90
C TRP A 49 5.03 -5.84 -8.06
N ASP A 50 5.87 -6.53 -7.28
CA ASP A 50 5.94 -7.99 -7.32
C ASP A 50 5.09 -8.63 -6.21
N GLN A 51 4.41 -7.79 -5.42
CA GLN A 51 3.51 -8.27 -4.39
C GLN A 51 2.11 -7.69 -4.54
N ASN A 52 1.12 -8.45 -4.08
CA ASN A 52 -0.29 -8.03 -4.10
C ASN A 52 -1.01 -8.45 -2.81
N PRO A 53 -2.30 -8.11 -2.67
CA PRO A 53 -3.03 -8.43 -1.42
C PRO A 53 -3.13 -9.92 -1.07
N LYS A 54 -2.81 -10.80 -2.01
CA LYS A 54 -2.79 -12.24 -1.73
C LYS A 54 -1.41 -12.73 -1.29
N SER A 55 -0.42 -11.85 -1.36
CA SER A 55 0.92 -12.13 -0.84
C SER A 55 0.90 -12.29 0.67
N THR A 56 1.85 -13.05 1.19
CA THR A 56 1.89 -13.39 2.61
C THR A 56 3.09 -12.78 3.33
N PHE A 57 2.96 -12.63 4.65
CA PHE A 57 4.08 -12.17 5.48
C PHE A 57 4.17 -12.93 6.79
N LYS A 58 5.29 -12.76 7.50
CA LYS A 58 5.53 -13.42 8.77
C LYS A 58 5.19 -12.48 9.93
N LYS A 59 4.25 -12.92 10.77
CA LYS A 59 3.81 -12.14 11.92
C LYS A 59 4.86 -12.16 13.04
N ALA A 60 4.70 -11.25 14.00
CA ALA A 60 5.60 -11.15 15.15
C ALA A 60 5.66 -12.45 15.95
N ASP A 61 4.54 -13.18 15.99
CA ASP A 61 4.47 -14.48 16.67
C ASP A 61 5.04 -15.62 15.82
N GLY A 62 5.28 -15.35 14.53
CA GLY A 62 5.96 -16.30 13.66
C GLY A 62 5.07 -17.11 12.74
N SER A 63 3.76 -16.81 12.75
CA SER A 63 2.82 -17.46 11.85
C SER A 63 2.69 -16.68 10.55
N GLU A 64 2.41 -17.39 9.46
CA GLU A 64 2.31 -16.76 8.14
C GLU A 64 0.85 -16.49 7.75
N VAL A 65 0.57 -15.23 7.41
CA VAL A 65 -0.76 -14.83 6.95
C VAL A 65 -0.68 -14.00 5.67
N SER A 66 -1.69 -14.10 4.83
CA SER A 66 -1.82 -13.22 3.67
C SER A 66 -2.33 -11.85 4.12
N PHE A 67 -2.15 -10.85 3.27
CA PHE A 67 -2.65 -9.50 3.57
C PHE A 67 -4.17 -9.48 3.66
N LEU A 68 -4.83 -10.22 2.76
CA LEU A 68 -6.28 -10.43 2.83
C LEU A 68 -6.71 -10.96 4.20
N GLU A 69 -6.04 -12.01 4.67
CA GLU A 69 -6.34 -12.63 5.96
C GLU A 69 -6.07 -11.67 7.11
N TYR A 70 -4.91 -11.04 7.09
CA TYR A 70 -4.49 -10.14 8.16
C TYR A 70 -5.53 -9.06 8.47
N TYR A 71 -5.89 -8.29 7.45
CA TYR A 71 -6.78 -7.14 7.65
C TYR A 71 -8.24 -7.51 7.86
N ARG A 72 -8.63 -8.71 7.42
CA ARG A 72 -9.95 -9.24 7.69
C ARG A 72 -10.05 -9.67 9.16
N LYS A 73 -9.03 -10.37 9.64
CA LYS A 73 -8.99 -10.89 11.01
C LYS A 73 -8.70 -9.81 12.06
N GLN A 74 -7.77 -8.91 11.73
CA GLN A 74 -7.26 -7.93 12.70
C GLN A 74 -8.12 -6.67 12.81
N TYR A 75 -8.59 -6.17 11.67
CA TYR A 75 -9.31 -4.90 11.63
C TYR A 75 -10.68 -4.99 10.94
N ASN A 76 -11.05 -6.19 10.48
CA ASN A 76 -12.25 -6.39 9.66
C ASN A 76 -12.30 -5.40 8.48
N GLN A 77 -11.19 -5.33 7.76
CA GLN A 77 -11.08 -4.51 6.55
C GLN A 77 -10.92 -5.43 5.35
N GLU A 78 -11.95 -5.43 4.49
CA GLU A 78 -11.99 -6.31 3.32
C GLU A 78 -11.35 -5.62 2.11
N ILE A 79 -10.23 -6.17 1.66
CA ILE A 79 -9.54 -5.68 0.47
C ILE A 79 -10.23 -6.28 -0.75
N THR A 80 -10.71 -5.42 -1.65
CA THR A 80 -11.48 -5.85 -2.81
C THR A 80 -10.61 -6.02 -4.06
N ASP A 81 -9.64 -5.12 -4.25
CA ASP A 81 -8.78 -5.13 -5.43
C ASP A 81 -7.54 -5.99 -5.20
N LEU A 82 -7.40 -7.03 -6.03
CA LEU A 82 -6.33 -8.01 -5.87
C LEU A 82 -5.11 -7.75 -6.76
N LYS A 83 -5.25 -6.83 -7.71
CA LYS A 83 -4.20 -6.55 -8.69
C LYS A 83 -3.28 -5.40 -8.27
N GLN A 84 -3.62 -4.73 -7.17
CA GLN A 84 -2.85 -3.60 -6.67
C GLN A 84 -1.48 -4.01 -6.09
N PRO A 85 -0.48 -3.12 -6.20
CA PRO A 85 0.84 -3.39 -5.62
C PRO A 85 0.81 -3.19 -4.11
N VAL A 86 1.93 -3.47 -3.45
CA VAL A 86 2.04 -3.24 -2.02
C VAL A 86 3.12 -2.20 -1.73
N LEU A 87 2.74 -1.15 -1.01
CA LEU A 87 3.66 -0.09 -0.61
C LEU A 87 4.56 -0.58 0.53
N VAL A 88 5.78 -0.08 0.59
CA VAL A 88 6.73 -0.48 1.63
C VAL A 88 7.31 0.71 2.37
N SER A 89 7.25 0.65 3.71
CA SER A 89 7.77 1.70 4.57
C SER A 89 8.86 1.14 5.50
N GLN A 90 10.04 1.75 5.45
CA GLN A 90 11.19 1.31 6.26
C GLN A 90 11.27 2.05 7.59
N PRO A 91 11.49 1.32 8.70
CA PRO A 91 11.57 1.90 10.04
C PRO A 91 13.01 2.20 10.47
N LYS A 92 13.19 2.52 11.76
CA LYS A 92 14.50 2.80 12.38
C LYS A 92 15.36 3.81 11.61
N GLY A 103 13.00 -5.12 8.46
CA GLY A 103 11.60 -5.54 8.54
C GLY A 103 10.64 -4.40 8.26
N PRO A 104 10.35 -4.15 6.97
CA PRO A 104 9.48 -3.03 6.59
C PRO A 104 7.99 -3.35 6.74
N ALA A 105 7.17 -2.30 6.84
CA ALA A 105 5.72 -2.45 6.87
C ALA A 105 5.17 -2.42 5.46
N MET A 106 4.37 -3.43 5.11
CA MET A 106 3.80 -3.52 3.78
C MET A 106 2.36 -3.00 3.80
N LEU A 107 2.13 -1.90 3.11
CA LEU A 107 0.84 -1.22 3.16
C LEU A 107 0.04 -1.40 1.88
N ILE A 108 -1.26 -1.62 2.04
CA ILE A 108 -2.19 -1.78 0.93
C ILE A 108 -2.77 -0.42 0.54
N PRO A 109 -2.54 0.01 -0.72
CA PRO A 109 -3.01 1.29 -1.28
C PRO A 109 -4.49 1.55 -1.06
N GLU A 110 -5.31 0.50 -1.13
CA GLU A 110 -6.76 0.60 -0.93
C GLU A 110 -7.10 1.02 0.49
N LEU A 111 -6.21 0.73 1.43
CA LEU A 111 -6.45 0.97 2.86
C LEU A 111 -5.66 2.15 3.42
N CYS A 112 -5.15 3.00 2.54
CA CYS A 112 -4.34 4.15 2.97
C CYS A 112 -4.84 5.46 2.37
N TYR A 113 -5.00 6.47 3.23
CA TYR A 113 -5.34 7.83 2.79
C TYR A 113 -4.08 8.60 2.44
N LEU A 114 -4.25 9.68 1.68
CA LEU A 114 -3.14 10.53 1.27
C LEU A 114 -2.90 11.70 2.21
N THR A 115 -1.69 12.24 2.16
CA THR A 115 -1.31 13.43 2.92
C THR A 115 -0.21 14.17 2.16
N GLY A 116 -0.22 15.51 2.20
CA GLY A 116 0.89 16.30 1.71
C GLY A 116 2.02 16.20 2.72
N LEU A 117 3.17 15.68 2.28
CA LEU A 117 4.28 15.40 3.20
C LEU A 117 5.68 15.31 2.57
N THR A 118 6.69 15.33 3.43
CA THR A 118 8.09 15.16 3.03
C THR A 118 8.54 13.72 3.26
#